data_1P5P
#
_entry.id   1P5P
#
_entity_poly.entity_id   1
_entity_poly.type   'polyribonucleotide'
_entity_poly.pdbx_seq_one_letter_code
;GGCUGUGAGGAACUACUGUCUUCACGCAGAAAGCGUCUAGCCAUGGCGUUAGUAUGAGUGUCGUGCAGCCUCCAGCC
;
_entity_poly.pdbx_strand_id   A
#